data_3ZQK
#
_entry.id   3ZQK
#
_cell.length_a   156.020
_cell.length_b   35.540
_cell.length_c   88.460
_cell.angle_alpha   90.00
_cell.angle_beta   96.34
_cell.angle_gamma   90.00
#
_symmetry.space_group_name_H-M   'C 1 2 1'
#
loop_
_entity.id
_entity.type
_entity.pdbx_description
1 polymer 'VON WILLEBRAND FACTOR'
2 non-polymer GLYCEROL
3 non-polymer 'CALCIUM ION'
4 non-polymer 2-acetamido-2-deoxy-beta-D-glucopyranose
5 water water
#
_entity_poly.entity_id   1
_entity_poly.type   'polypeptide(L)'
_entity_poly.pdbx_seq_one_letter_code
;GSVGPGLLGVSTLGPKRNSMVLDVAFVLEGSDKIGEADFNRSKEFMEEVIQRMDVGQDSIHVTVLQYSYMVTVEYPFSEA
QSKGDILQRLREIRYQGGNRTNTGLALRYLSDHSFLVSQGDREQAPNLVYMVTGNPASDEIKRLPGDIQVVPIGVGPNAN
VQELERIGWPNAPILIQDFETLPREAPDLVLQRCCSGEG
;
_entity_poly.pdbx_strand_id   A,B,C
#
# COMPACT_ATOMS: atom_id res chain seq x y z
N SER A 19 16.62 -4.54 -17.04
CA SER A 19 17.01 -4.60 -18.45
C SER A 19 16.00 -3.93 -19.38
N MET A 20 14.76 -3.80 -18.92
CA MET A 20 13.70 -3.12 -19.69
C MET A 20 13.46 -1.74 -19.09
N VAL A 21 13.62 -0.68 -19.89
CA VAL A 21 13.53 0.68 -19.36
C VAL A 21 12.33 1.35 -20.01
N LEU A 22 11.20 1.31 -19.29
CA LEU A 22 9.94 1.83 -19.83
C LEU A 22 9.23 2.66 -18.75
N ASP A 23 8.54 3.71 -19.17
CA ASP A 23 7.64 4.46 -18.29
C ASP A 23 6.18 4.05 -18.56
N VAL A 24 5.60 3.26 -17.66
CA VAL A 24 4.29 2.64 -17.88
C VAL A 24 3.24 3.30 -17.01
N ALA A 25 2.16 3.74 -17.64
CA ALA A 25 0.99 4.24 -16.90
C ALA A 25 -0.15 3.22 -16.99
N PHE A 26 -0.76 2.91 -15.84
CA PHE A 26 -2.03 2.17 -15.87
C PHE A 26 -3.13 3.17 -15.54
N VAL A 27 -4.21 3.14 -16.29
CA VAL A 27 -5.32 4.06 -16.08
C VAL A 27 -6.57 3.22 -15.98
N LEU A 28 -7.24 3.28 -14.83
CA LEU A 28 -8.43 2.45 -14.61
C LEU A 28 -9.70 3.30 -14.46
N GLU A 29 -10.71 2.94 -15.23
CA GLU A 29 -12.02 3.62 -15.08
C GLU A 29 -12.67 3.17 -13.78
N GLY A 30 -13.15 4.12 -12.96
CA GLY A 30 -13.79 3.76 -11.70
C GLY A 30 -15.13 4.48 -11.54
N SER A 31 -15.90 4.56 -12.62
CA SER A 31 -17.21 5.26 -12.65
C SER A 31 -18.33 4.37 -12.08
N ASP A 32 -19.44 5.02 -11.78
CA ASP A 32 -20.64 4.32 -11.30
C ASP A 32 -21.01 3.16 -12.24
N LYS A 33 -20.84 3.36 -13.54
CA LYS A 33 -21.15 2.32 -14.52
C LYS A 33 -20.22 1.12 -14.44
N ILE A 34 -18.96 1.31 -14.08
CA ILE A 34 -18.07 0.17 -13.80
C ILE A 34 -18.53 -0.55 -12.54
N GLY A 35 -18.66 0.21 -11.46
CA GLY A 35 -19.11 -0.30 -10.17
C GLY A 35 -17.97 -0.92 -9.37
N GLU A 36 -18.20 -1.10 -8.07
CA GLU A 36 -17.11 -1.47 -7.19
C GLU A 36 -16.53 -2.85 -7.52
N ALA A 37 -17.39 -3.82 -7.80
CA ALA A 37 -16.89 -5.18 -7.99
C ALA A 37 -16.01 -5.29 -9.22
N ASP A 38 -16.45 -4.67 -10.31
CA ASP A 38 -15.68 -4.70 -11.56
C ASP A 38 -14.41 -3.84 -11.43
N PHE A 39 -14.47 -2.78 -10.64
CA PHE A 39 -13.24 -2.06 -10.39
C PHE A 39 -12.24 -2.96 -9.65
N ASN A 40 -12.73 -3.72 -8.67
CA ASN A 40 -11.84 -4.62 -7.93
C ASN A 40 -11.19 -5.62 -8.89
N ARG A 41 -11.92 -6.09 -9.90
CA ARG A 41 -11.36 -7.00 -10.90
C ARG A 41 -10.29 -6.29 -11.75
N SER A 42 -10.52 -5.02 -12.08
CA SER A 42 -9.53 -4.24 -12.84
C SER A 42 -8.27 -4.02 -12.01
N LYS A 43 -8.45 -3.77 -10.72
CA LYS A 43 -7.30 -3.59 -9.84
C LYS A 43 -6.45 -4.86 -9.71
N GLU A 44 -7.12 -6.01 -9.62
CA GLU A 44 -6.47 -7.31 -9.59
C GLU A 44 -5.64 -7.53 -10.87
N PHE A 45 -6.24 -7.17 -12.02
CA PHE A 45 -5.54 -7.22 -13.31
C PHE A 45 -4.24 -6.41 -13.22
N MET A 46 -4.35 -5.17 -12.71
CA MET A 46 -3.20 -4.26 -12.68
C MET A 46 -2.12 -4.79 -11.76
N GLU A 47 -2.54 -5.27 -10.59
CA GLU A 47 -1.57 -5.76 -9.62
C GLU A 47 -0.83 -6.99 -10.15
N GLU A 48 -1.54 -7.86 -10.86
CA GLU A 48 -0.89 -9.05 -11.44
C GLU A 48 0.18 -8.65 -12.46
N VAL A 49 -0.11 -7.64 -13.26
CA VAL A 49 0.84 -7.21 -14.27
C VAL A 49 2.07 -6.62 -13.60
N ILE A 50 1.85 -5.80 -12.57
CA ILE A 50 2.95 -5.10 -11.91
C ILE A 50 3.88 -6.12 -11.23
N GLN A 51 3.27 -7.13 -10.62
CA GLN A 51 4.00 -8.20 -9.93
C GLN A 51 4.91 -8.94 -10.91
N ARG A 52 4.42 -9.10 -12.14
CA ARG A 52 5.11 -9.86 -13.19
C ARG A 52 6.06 -9.06 -14.05
N MET A 53 5.98 -7.73 -14.00
CA MET A 53 6.88 -6.86 -14.77
C MET A 53 8.19 -6.63 -14.02
N ASP A 54 9.24 -6.29 -14.75
CA ASP A 54 10.52 -5.97 -14.15
C ASP A 54 10.47 -4.52 -13.66
N VAL A 55 9.62 -4.25 -12.66
CA VAL A 55 9.49 -2.90 -12.11
C VAL A 55 10.60 -2.63 -11.10
N GLY A 56 11.20 -1.44 -11.16
CA GLY A 56 12.27 -1.11 -10.25
C GLY A 56 13.00 0.16 -10.60
N GLN A 57 13.96 0.54 -9.75
CA GLN A 57 14.51 1.91 -9.85
C GLN A 57 15.20 2.17 -11.18
N ASP A 58 15.96 1.20 -11.65
CA ASP A 58 16.65 1.36 -12.91
C ASP A 58 16.00 0.64 -14.10
N SER A 59 14.79 0.12 -13.88
N SER A 59 14.77 0.15 -13.93
CA SER A 59 14.06 -0.59 -14.92
CA SER A 59 14.09 -0.57 -15.02
C SER A 59 12.70 0.04 -15.13
C SER A 59 12.71 0.00 -15.39
N ILE A 60 11.65 -0.77 -15.17
CA ILE A 60 10.28 -0.24 -15.45
C ILE A 60 9.78 0.67 -14.32
N HIS A 61 9.27 1.86 -14.69
CA HIS A 61 8.64 2.78 -13.73
C HIS A 61 7.12 2.77 -13.98
N VAL A 62 6.35 3.02 -12.93
CA VAL A 62 4.89 2.91 -12.98
C VAL A 62 4.24 4.14 -12.42
N THR A 63 3.20 4.60 -13.12
CA THR A 63 2.29 5.57 -12.55
C THR A 63 0.89 5.02 -12.76
N VAL A 64 -0.03 5.39 -11.87
CA VAL A 64 -1.39 4.86 -11.91
C VAL A 64 -2.44 5.97 -11.72
N LEU A 65 -3.44 6.00 -12.61
CA LEU A 65 -4.56 6.93 -12.50
C LEU A 65 -5.83 6.12 -12.33
N GLN A 66 -6.76 6.61 -11.51
CA GLN A 66 -8.15 6.14 -11.55
C GLN A 66 -8.98 7.33 -12.02
N TYR A 67 -9.92 7.10 -12.92
CA TYR A 67 -10.72 8.22 -13.40
C TYR A 67 -12.20 7.93 -13.52
N SER A 68 -13.00 8.98 -13.34
N SER A 68 -13.01 8.99 -13.39
CA SER A 68 -14.43 8.93 -13.61
CA SER A 68 -14.44 8.90 -13.70
C SER A 68 -14.83 10.36 -14.02
C SER A 68 -14.98 10.30 -14.04
N TYR A 69 -15.39 11.12 -13.08
N TYR A 69 -15.31 11.07 -13.02
CA TYR A 69 -15.60 12.53 -13.33
CA TYR A 69 -15.60 12.48 -13.25
C TYR A 69 -14.24 13.23 -13.25
C TYR A 69 -14.28 13.23 -13.21
N MET A 70 -13.49 12.94 -12.18
CA MET A 70 -12.18 13.55 -11.97
C MET A 70 -11.10 12.51 -12.19
N VAL A 71 -9.87 12.97 -12.30
CA VAL A 71 -8.72 12.06 -12.41
C VAL A 71 -8.01 12.02 -11.05
N THR A 72 -7.76 10.83 -10.52
CA THR A 72 -7.00 10.66 -9.27
C THR A 72 -5.64 10.05 -9.54
N VAL A 73 -4.58 10.71 -9.10
CA VAL A 73 -3.27 10.10 -9.28
C VAL A 73 -3.07 9.16 -8.11
N GLU A 74 -3.08 7.87 -8.39
CA GLU A 74 -2.90 6.88 -7.34
C GLU A 74 -1.44 6.57 -7.02
N TYR A 75 -0.54 6.80 -7.98
CA TYR A 75 0.89 6.68 -7.78
C TYR A 75 1.61 7.48 -8.88
N PRO A 76 2.43 8.48 -8.53
CA PRO A 76 3.15 9.24 -9.57
C PRO A 76 4.53 8.64 -9.87
N PHE A 77 5.13 8.98 -11.01
CA PHE A 77 6.47 8.51 -11.32
C PHE A 77 7.48 9.04 -10.28
N SER A 78 7.14 10.14 -9.63
CA SER A 78 8.06 10.81 -8.70
C SER A 78 8.17 10.15 -7.33
N GLU A 79 7.26 9.24 -6.98
N GLU A 79 7.25 9.23 -7.03
CA GLU A 79 7.43 8.49 -5.74
CA GLU A 79 7.35 8.44 -5.79
C GLU A 79 8.24 7.23 -5.98
C GLU A 79 8.28 7.24 -5.99
N ALA A 80 8.72 6.61 -4.90
CA ALA A 80 9.63 5.46 -4.97
C ALA A 80 9.28 4.40 -6.04
N GLN A 81 10.17 4.19 -7.00
CA GLN A 81 9.87 3.25 -8.07
C GLN A 81 10.45 1.91 -7.71
N SER A 82 9.78 1.29 -6.75
CA SER A 82 10.21 0.04 -6.18
C SER A 82 8.92 -0.77 -6.06
N LYS A 83 8.97 -2.02 -6.47
CA LYS A 83 7.76 -2.84 -6.63
C LYS A 83 6.91 -2.91 -5.37
N GLY A 84 7.58 -3.14 -4.24
CA GLY A 84 6.94 -3.19 -2.93
C GLY A 84 6.18 -1.92 -2.56
N ASP A 85 6.83 -0.76 -2.70
CA ASP A 85 6.16 0.52 -2.46
C ASP A 85 4.93 0.75 -3.34
N ILE A 86 5.06 0.45 -4.64
CA ILE A 86 3.93 0.58 -5.57
C ILE A 86 2.79 -0.35 -5.19
N LEU A 87 3.10 -1.64 -4.97
CA LEU A 87 2.06 -2.61 -4.66
C LEU A 87 1.35 -2.31 -3.34
N GLN A 88 2.10 -1.88 -2.33
N GLN A 88 2.10 -1.86 -2.34
CA GLN A 88 1.47 -1.51 -1.06
CA GLN A 88 1.48 -1.54 -1.06
C GLN A 88 0.42 -0.44 -1.28
C GLN A 88 0.45 -0.40 -1.22
N ARG A 89 0.79 0.63 -1.97
CA ARG A 89 -0.15 1.74 -2.18
C ARG A 89 -1.36 1.27 -2.99
N LEU A 90 -1.12 0.56 -4.08
CA LEU A 90 -2.23 0.14 -4.94
C LEU A 90 -3.18 -0.81 -4.23
N ARG A 91 -2.63 -1.64 -3.33
CA ARG A 91 -3.48 -2.49 -2.52
C ARG A 91 -4.38 -1.69 -1.59
N GLU A 92 -3.93 -0.51 -1.19
CA GLU A 92 -4.65 0.27 -0.21
C GLU A 92 -5.70 1.18 -0.83
N ILE A 93 -5.53 1.52 -2.09
CA ILE A 93 -6.50 2.45 -2.66
C ILE A 93 -7.80 1.74 -3.09
N ARG A 94 -8.84 2.52 -3.32
CA ARG A 94 -10.17 1.95 -3.47
C ARG A 94 -10.96 2.61 -4.63
N TYR A 95 -12.01 1.91 -5.05
CA TYR A 95 -12.99 2.41 -6.02
C TYR A 95 -13.50 3.80 -5.65
N GLN A 96 -13.43 4.71 -6.58
CA GLN A 96 -13.85 6.11 -6.31
C GLN A 96 -15.29 6.48 -6.72
N GLY A 97 -15.88 5.74 -7.65
CA GLY A 97 -17.19 6.06 -8.15
C GLY A 97 -17.22 7.33 -9.02
N GLY A 98 -18.39 7.64 -9.55
CA GLY A 98 -18.57 8.90 -10.24
C GLY A 98 -19.49 8.84 -11.44
N ASN A 99 -20.09 9.98 -11.77
CA ASN A 99 -21.15 10.03 -12.75
C ASN A 99 -20.79 10.29 -14.23
N ARG A 100 -19.49 10.24 -14.57
CA ARG A 100 -19.04 10.35 -15.95
C ARG A 100 -17.90 9.39 -16.16
N THR A 101 -17.59 9.20 -17.45
CA THR A 101 -16.40 8.46 -17.89
C THR A 101 -15.60 9.46 -18.69
N ASN A 102 -14.82 10.29 -17.97
CA ASN A 102 -14.10 11.38 -18.65
C ASN A 102 -12.76 10.89 -19.15
N THR A 103 -12.80 9.98 -20.13
CA THR A 103 -11.58 9.40 -20.68
C THR A 103 -10.66 10.43 -21.31
N GLY A 104 -11.25 11.43 -21.99
CA GLY A 104 -10.46 12.49 -22.60
C GLY A 104 -9.68 13.27 -21.56
N LEU A 105 -10.34 13.61 -20.46
CA LEU A 105 -9.68 14.32 -19.36
C LEU A 105 -8.49 13.52 -18.84
N ALA A 106 -8.65 12.21 -18.77
CA ALA A 106 -7.59 11.35 -18.22
C ALA A 106 -6.43 11.33 -19.21
N LEU A 107 -6.74 11.22 -20.50
CA LEU A 107 -5.69 11.22 -21.52
C LEU A 107 -4.92 12.56 -21.48
N ARG A 108 -5.65 13.67 -21.39
CA ARG A 108 -4.95 14.94 -21.30
C ARG A 108 -4.05 14.99 -20.06
N TYR A 109 -4.50 14.41 -18.96
CA TYR A 109 -3.73 14.44 -17.72
C TYR A 109 -2.38 13.73 -17.90
N LEU A 110 -2.39 12.60 -18.59
CA LEU A 110 -1.16 11.85 -18.89
C LEU A 110 -0.19 12.76 -19.66
N SER A 111 -0.70 13.50 -20.64
CA SER A 111 0.15 14.28 -21.53
C SER A 111 0.68 15.54 -20.87
N ASP A 112 -0.19 16.16 -20.09
CA ASP A 112 0.09 17.46 -19.47
C ASP A 112 0.85 17.37 -18.16
N HIS A 113 0.81 16.19 -17.50
CA HIS A 113 1.35 16.06 -16.14
C HIS A 113 2.14 14.78 -15.92
N SER A 114 1.48 13.64 -16.13
CA SER A 114 2.07 12.36 -15.76
C SER A 114 3.41 12.16 -16.47
N PHE A 115 3.42 12.43 -17.77
CA PHE A 115 4.62 12.12 -18.55
C PHE A 115 5.53 13.31 -18.77
N LEU A 116 5.53 14.25 -17.83
CA LEU A 116 6.53 15.33 -17.87
C LEU A 116 7.81 14.93 -17.15
N VAL A 117 8.95 15.32 -17.73
CA VAL A 117 10.23 15.07 -17.09
C VAL A 117 10.25 15.69 -15.70
N SER A 118 9.64 16.87 -15.58
CA SER A 118 9.54 17.55 -14.27
C SER A 118 8.75 16.74 -13.25
N GLN A 119 7.99 15.75 -13.71
CA GLN A 119 7.18 14.93 -12.79
C GLN A 119 7.70 13.51 -12.68
N GLY A 120 8.92 13.28 -13.17
CA GLY A 120 9.58 11.98 -13.01
C GLY A 120 9.65 11.13 -14.27
N ASP A 121 9.11 11.61 -15.40
CA ASP A 121 9.29 10.91 -16.67
C ASP A 121 10.77 10.86 -17.10
N ARG A 122 11.19 9.76 -17.70
CA ARG A 122 12.56 9.69 -18.24
C ARG A 122 12.48 9.87 -19.74
N GLU A 123 13.17 10.86 -20.27
CA GLU A 123 13.11 11.17 -21.70
C GLU A 123 13.35 9.95 -22.60
N GLN A 124 14.34 9.13 -22.22
CA GLN A 124 14.75 7.97 -23.00
C GLN A 124 13.89 6.70 -22.80
N ALA A 125 12.98 6.70 -21.82
CA ALA A 125 12.14 5.49 -21.63
C ALA A 125 10.82 5.67 -22.36
N PRO A 126 10.46 4.73 -23.24
CA PRO A 126 9.19 4.88 -23.97
C PRO A 126 8.03 5.03 -23.01
N ASN A 127 7.08 5.88 -23.39
CA ASN A 127 5.86 6.11 -22.59
C ASN A 127 4.75 5.20 -23.08
N LEU A 128 4.39 4.24 -22.24
CA LEU A 128 3.34 3.28 -22.62
C LEU A 128 2.16 3.44 -21.66
N VAL A 129 0.93 3.33 -22.19
CA VAL A 129 -0.26 3.46 -21.35
C VAL A 129 -1.13 2.21 -21.57
N TYR A 130 -1.60 1.58 -20.49
CA TYR A 130 -2.62 0.55 -20.57
C TYR A 130 -3.84 1.08 -19.86
N MET A 131 -4.93 1.26 -20.61
CA MET A 131 -6.09 1.96 -20.08
C MET A 131 -7.33 1.07 -20.14
N VAL A 132 -7.94 0.78 -18.98
CA VAL A 132 -9.07 -0.11 -18.94
C VAL A 132 -10.36 0.72 -18.89
N THR A 133 -11.26 0.50 -19.85
CA THR A 133 -12.55 1.24 -19.87
C THR A 133 -13.65 0.32 -20.33
N GLY A 134 -14.84 0.55 -19.81
CA GLY A 134 -15.98 -0.29 -20.15
C GLY A 134 -17.14 0.46 -20.72
N ASN A 135 -16.97 1.74 -21.05
CA ASN A 135 -18.09 2.58 -21.42
C ASN A 135 -17.63 3.59 -22.43
N PRO A 136 -18.56 4.09 -23.24
CA PRO A 136 -18.19 5.19 -24.12
C PRO A 136 -17.77 6.41 -23.28
N ALA A 137 -16.85 7.18 -23.83
CA ALA A 137 -16.42 8.42 -23.14
C ALA A 137 -17.54 9.44 -23.05
N SER A 138 -17.59 10.13 -21.92
CA SER A 138 -18.54 11.23 -21.69
C SER A 138 -18.07 12.50 -22.38
N ASP A 139 -16.77 12.58 -22.63
CA ASP A 139 -16.15 13.79 -23.17
C ASP A 139 -15.50 13.56 -24.53
N GLU A 140 -14.77 14.55 -25.02
CA GLU A 140 -14.22 14.44 -26.37
C GLU A 140 -12.93 13.60 -26.39
N ILE A 141 -12.85 12.66 -27.33
CA ILE A 141 -11.65 11.81 -27.48
C ILE A 141 -10.86 12.17 -28.72
N LYS A 142 -9.58 12.48 -28.54
CA LYS A 142 -8.65 12.61 -29.66
C LYS A 142 -7.44 11.77 -29.31
N ARG A 143 -6.76 11.23 -30.32
CA ARG A 143 -5.51 10.52 -30.12
C ARG A 143 -4.45 11.45 -29.51
N LEU A 144 -3.67 10.96 -28.54
CA LEU A 144 -2.61 11.80 -27.92
C LEU A 144 -1.45 11.94 -28.88
N PRO A 145 -0.72 13.04 -28.77
CA PRO A 145 0.57 13.09 -29.49
C PRO A 145 1.33 11.76 -29.41
N GLY A 146 1.87 11.31 -30.53
CA GLY A 146 2.39 9.97 -30.64
C GLY A 146 3.58 9.58 -29.77
N ASP A 147 4.27 10.51 -29.10
CA ASP A 147 5.34 10.01 -28.17
C ASP A 147 4.76 9.32 -26.94
N ILE A 148 3.45 9.25 -26.92
CA ILE A 148 2.77 8.50 -25.86
C ILE A 148 2.04 7.36 -26.56
N GLN A 149 2.40 6.12 -26.27
CA GLN A 149 1.75 4.98 -26.95
C GLN A 149 0.65 4.42 -26.08
N VAL A 150 -0.60 4.49 -26.52
CA VAL A 150 -1.69 4.05 -25.64
C VAL A 150 -2.28 2.73 -26.15
N VAL A 151 -2.38 1.75 -25.28
CA VAL A 151 -3.04 0.47 -25.60
C VAL A 151 -4.32 0.42 -24.78
N PRO A 152 -5.46 0.70 -25.40
CA PRO A 152 -6.71 0.66 -24.63
C PRO A 152 -7.16 -0.78 -24.49
N ILE A 153 -7.78 -1.07 -23.34
CA ILE A 153 -8.32 -2.38 -23.06
C ILE A 153 -9.80 -2.14 -22.88
N GLY A 154 -10.58 -2.46 -23.90
N GLY A 154 -10.59 -2.50 -23.88
CA GLY A 154 -12.02 -2.28 -23.82
CA GLY A 154 -12.02 -2.26 -23.82
C GLY A 154 -12.64 -3.52 -23.21
C GLY A 154 -12.78 -3.48 -23.36
N VAL A 155 -13.52 -3.33 -22.25
N VAL A 155 -13.50 -3.35 -22.25
CA VAL A 155 -14.04 -4.48 -21.51
CA VAL A 155 -14.16 -4.50 -21.64
C VAL A 155 -15.56 -4.52 -21.49
C VAL A 155 -15.63 -4.52 -22.04
N GLY A 156 -16.14 -5.63 -21.93
N GLY A 156 -16.11 -5.66 -22.51
CA GLY A 156 -17.58 -5.75 -21.90
CA GLY A 156 -17.50 -5.75 -22.93
C GLY A 156 -18.31 -5.04 -23.02
C GLY A 156 -18.46 -5.66 -21.77
N PRO A 157 -19.62 -5.25 -23.11
N PRO A 157 -19.71 -5.36 -22.08
CA PRO A 157 -20.42 -4.88 -24.29
CA PRO A 157 -20.15 -5.26 -23.47
C PRO A 157 -20.68 -3.39 -24.50
C PRO A 157 -20.57 -3.84 -23.87
N ASN A 158 -20.27 -2.55 -23.55
N ASN A 158 -20.02 -2.84 -23.22
CA ASN A 158 -20.52 -1.12 -23.67
CA ASN A 158 -20.35 -1.46 -23.61
C ASN A 158 -19.26 -0.30 -23.97
C ASN A 158 -19.18 -0.56 -24.07
N ALA A 159 -18.12 -0.97 -24.13
N ALA A 159 -17.97 -1.10 -24.12
CA ALA A 159 -16.92 -0.31 -24.66
CA ALA A 159 -16.87 -0.36 -24.72
C ALA A 159 -17.09 0.07 -26.12
C ALA A 159 -17.21 0.12 -26.13
N ASN A 160 -16.70 1.31 -26.46
CA ASN A 160 -16.90 1.86 -27.80
C ASN A 160 -15.67 1.59 -28.65
N VAL A 161 -15.78 0.63 -29.56
CA VAL A 161 -14.59 0.19 -30.29
C VAL A 161 -13.97 1.29 -31.16
N GLN A 162 -14.79 2.09 -31.84
CA GLN A 162 -14.23 3.17 -32.65
C GLN A 162 -13.44 4.20 -31.86
N GLU A 163 -13.92 4.58 -30.67
CA GLU A 163 -13.13 5.46 -29.82
C GLU A 163 -11.81 4.79 -29.44
N LEU A 164 -11.87 3.52 -29.09
CA LEU A 164 -10.62 2.88 -28.67
C LEU A 164 -9.63 2.75 -29.83
N GLU A 165 -10.14 2.49 -31.04
CA GLU A 165 -9.26 2.50 -32.22
C GLU A 165 -8.62 3.86 -32.40
N ARG A 166 -9.37 4.92 -32.14
CA ARG A 166 -8.80 6.26 -32.37
C ARG A 166 -7.63 6.52 -31.41
N ILE A 167 -7.86 6.15 -30.15
CA ILE A 167 -6.85 6.30 -29.11
C ILE A 167 -5.62 5.47 -29.38
N GLY A 168 -5.84 4.22 -29.83
CA GLY A 168 -4.78 3.24 -29.94
C GLY A 168 -4.00 3.14 -31.24
N TRP A 169 -4.39 3.92 -32.23
CA TRP A 169 -3.82 3.79 -33.58
C TRP A 169 -2.31 3.93 -33.44
N PRO A 170 -1.52 3.13 -34.20
CA PRO A 170 -1.93 2.22 -35.28
C PRO A 170 -2.31 0.79 -34.88
N ASN A 171 -2.37 0.52 -33.59
CA ASN A 171 -2.65 -0.84 -33.16
C ASN A 171 -4.09 -1.11 -32.76
N ALA A 172 -4.51 -2.34 -32.92
CA ALA A 172 -5.82 -2.75 -32.44
C ALA A 172 -5.90 -2.64 -30.90
N PRO A 173 -7.05 -2.17 -30.41
CA PRO A 173 -7.35 -2.19 -28.98
C PRO A 173 -7.30 -3.65 -28.52
N ILE A 174 -6.98 -3.90 -27.24
CA ILE A 174 -7.21 -5.22 -26.67
C ILE A 174 -8.69 -5.20 -26.25
N LEU A 175 -9.48 -6.15 -26.74
N LEU A 175 -9.50 -6.13 -26.77
CA LEU A 175 -10.86 -6.26 -26.31
CA LEU A 175 -10.88 -6.28 -26.32
C LEU A 175 -11.11 -7.52 -25.48
C LEU A 175 -11.07 -7.53 -25.46
N ILE A 176 -11.72 -7.33 -24.31
CA ILE A 176 -11.92 -8.37 -23.31
C ILE A 176 -13.41 -8.55 -23.07
N GLN A 177 -13.84 -9.82 -23.06
N GLN A 177 -13.86 -9.80 -23.05
CA GLN A 177 -15.25 -10.21 -23.04
CA GLN A 177 -15.30 -10.04 -23.09
C GLN A 177 -16.06 -9.56 -21.91
C GLN A 177 -16.06 -9.44 -21.90
N ASP A 178 -15.49 -9.58 -20.71
CA ASP A 178 -16.14 -9.05 -19.52
C ASP A 178 -15.13 -8.85 -18.37
N PHE A 179 -15.57 -8.24 -17.28
CA PHE A 179 -14.65 -8.02 -16.16
C PHE A 179 -14.15 -9.29 -15.47
N GLU A 180 -14.97 -10.34 -15.47
CA GLU A 180 -14.53 -11.60 -14.89
C GLU A 180 -13.31 -12.11 -15.67
N THR A 181 -13.26 -11.79 -16.96
CA THR A 181 -12.24 -12.37 -17.81
C THR A 181 -10.94 -11.56 -17.75
N LEU A 182 -11.11 -10.26 -17.51
CA LEU A 182 -10.01 -9.30 -17.46
C LEU A 182 -8.77 -9.77 -16.67
N PRO A 183 -8.93 -10.09 -15.37
CA PRO A 183 -7.70 -10.41 -14.65
C PRO A 183 -7.12 -11.78 -15.02
N ARG A 184 -7.90 -12.62 -15.70
CA ARG A 184 -7.43 -13.95 -16.11
C ARG A 184 -6.80 -14.02 -17.51
N GLU A 185 -7.14 -13.08 -18.40
CA GLU A 185 -6.57 -13.09 -19.76
C GLU A 185 -5.66 -11.89 -20.04
N ALA A 186 -5.99 -10.73 -19.47
CA ALA A 186 -5.32 -9.51 -19.91
C ALA A 186 -3.85 -9.37 -19.44
N PRO A 187 -3.51 -9.94 -18.28
CA PRO A 187 -2.10 -9.75 -17.91
C PRO A 187 -1.10 -10.32 -18.92
N ASP A 188 -1.33 -11.54 -19.43
CA ASP A 188 -0.49 -12.10 -20.49
C ASP A 188 -0.45 -11.19 -21.74
N LEU A 189 -1.59 -10.63 -22.10
CA LEU A 189 -1.67 -9.81 -23.32
C LEU A 189 -0.81 -8.58 -23.15
N VAL A 190 -0.90 -7.94 -21.99
CA VAL A 190 -0.10 -6.74 -21.75
C VAL A 190 1.39 -7.06 -21.76
N LEU A 191 1.77 -8.17 -21.13
CA LEU A 191 3.15 -8.56 -21.08
C LEU A 191 3.71 -8.89 -22.45
N GLN A 192 2.86 -9.43 -23.32
CA GLN A 192 3.26 -9.69 -24.73
C GLN A 192 3.60 -8.38 -25.41
N ARG A 193 2.83 -7.35 -25.12
N ARG A 193 2.86 -7.33 -25.08
CA ARG A 193 3.05 -6.07 -25.78
CA ARG A 193 3.01 -6.05 -25.76
C ARG A 193 4.26 -5.32 -25.22
C ARG A 193 4.13 -5.18 -25.22
N CYS A 194 4.33 -5.23 -23.90
CA CYS A 194 5.37 -4.38 -23.28
C CYS A 194 6.74 -5.07 -23.24
N CYS A 195 6.74 -6.38 -23.12
CA CYS A 195 7.88 -7.03 -22.51
C CYS A 195 8.20 -8.37 -23.18
N SER A 196 7.82 -8.50 -24.45
CA SER A 196 8.11 -9.69 -25.24
C SER A 196 7.56 -10.96 -24.61
N GLY A 197 6.52 -10.83 -23.77
CA GLY A 197 5.92 -12.02 -23.19
C GLY A 197 6.71 -12.60 -22.04
N GLU A 198 7.67 -11.84 -21.54
CA GLU A 198 8.51 -12.30 -20.46
C GLU A 198 7.81 -11.84 -19.20
N GLY A 199 7.49 -12.77 -18.32
CA GLY A 199 6.85 -12.43 -17.07
C GLY A 199 5.79 -13.44 -16.72
N SER B 19 -30.31 23.99 29.65
CA SER B 19 -29.25 23.97 28.65
C SER B 19 -28.85 22.53 28.28
N MET B 20 -29.68 21.89 27.45
CA MET B 20 -29.30 20.65 26.80
C MET B 20 -28.98 20.94 25.33
N VAL B 21 -28.24 22.03 25.11
CA VAL B 21 -27.68 22.30 23.79
C VAL B 21 -26.26 21.74 23.72
N LEU B 22 -25.82 21.39 22.51
CA LEU B 22 -24.51 20.79 22.32
C LEU B 22 -24.20 21.02 20.85
N ASP B 23 -22.96 21.36 20.54
CA ASP B 23 -22.52 21.58 19.14
C ASP B 23 -21.64 20.36 18.78
N VAL B 24 -22.15 19.51 17.90
CA VAL B 24 -21.43 18.28 17.54
C VAL B 24 -20.88 18.40 16.12
N ALA B 25 -19.59 18.09 15.94
CA ALA B 25 -19.00 17.97 14.60
C ALA B 25 -18.71 16.53 14.27
N PHE B 26 -19.05 16.11 13.04
CA PHE B 26 -18.56 14.86 12.49
C PHE B 26 -17.48 15.17 11.48
N VAL B 27 -16.32 14.51 11.60
CA VAL B 27 -15.22 14.73 10.68
C VAL B 27 -14.91 13.39 10.07
N LEU B 28 -15.16 13.27 8.76
CA LEU B 28 -15.11 11.98 8.08
C LEU B 28 -13.98 11.96 7.07
N GLU B 29 -13.07 11.01 7.23
CA GLU B 29 -11.98 10.85 6.26
C GLU B 29 -12.58 10.38 4.93
N GLY B 30 -12.19 11.03 3.86
CA GLY B 30 -12.70 10.65 2.55
C GLY B 30 -11.56 10.60 1.54
N SER B 31 -10.48 9.96 1.93
CA SER B 31 -9.30 9.84 1.07
C SER B 31 -9.46 8.63 0.16
N ASP B 32 -8.56 8.46 -0.80
N ASP B 32 -8.54 8.50 -0.79
CA ASP B 32 -8.67 7.34 -1.71
CA ASP B 32 -8.51 7.39 -1.73
C ASP B 32 -8.33 5.99 -1.07
C ASP B 32 -8.40 6.03 -1.05
N LYS B 33 -7.83 6.01 0.16
CA LYS B 33 -7.71 4.77 0.92
C LYS B 33 -9.00 4.37 1.59
N ILE B 34 -9.95 5.31 1.67
CA ILE B 34 -11.27 5.02 2.19
C ILE B 34 -12.14 4.45 1.07
N GLY B 35 -12.24 5.21 -0.02
CA GLY B 35 -13.03 4.73 -1.16
C GLY B 35 -14.48 5.18 -1.00
N GLU B 36 -15.22 5.21 -2.10
CA GLU B 36 -16.63 5.63 -1.97
C GLU B 36 -17.51 4.69 -1.17
N ALA B 37 -17.30 3.37 -1.33
CA ALA B 37 -18.11 2.40 -0.61
C ALA B 37 -17.97 2.61 0.89
N ASP B 38 -16.73 2.69 1.37
CA ASP B 38 -16.53 2.85 2.81
C ASP B 38 -16.92 4.25 3.29
N PHE B 39 -16.80 5.25 2.42
CA PHE B 39 -17.29 6.59 2.75
C PHE B 39 -18.80 6.57 2.95
N ASN B 40 -19.50 5.81 2.12
CA ASN B 40 -20.96 5.70 2.30
C ASN B 40 -21.27 5.07 3.67
N ARG B 41 -20.48 4.07 4.10
CA ARG B 41 -20.73 3.46 5.40
C ARG B 41 -20.46 4.46 6.54
N SER B 42 -19.48 5.35 6.33
CA SER B 42 -19.20 6.42 7.29
C SER B 42 -20.36 7.42 7.39
N LYS B 43 -20.91 7.81 6.23
CA LYS B 43 -22.11 8.67 6.19
C LYS B 43 -23.26 7.99 6.89
N GLU B 44 -23.43 6.69 6.63
CA GLU B 44 -24.56 5.98 7.23
C GLU B 44 -24.42 5.84 8.77
N PHE B 45 -23.19 5.65 9.24
CA PHE B 45 -22.87 5.74 10.70
C PHE B 45 -23.31 7.10 11.28
N MET B 46 -22.89 8.18 10.61
CA MET B 46 -23.27 9.52 11.04
C MET B 46 -24.80 9.72 11.05
N GLU B 47 -25.48 9.27 9.99
CA GLU B 47 -26.94 9.45 9.96
C GLU B 47 -27.59 8.68 11.13
N GLU B 48 -27.06 7.49 11.45
CA GLU B 48 -27.68 6.70 12.53
C GLU B 48 -27.52 7.40 13.87
N VAL B 49 -26.36 8.02 14.07
CA VAL B 49 -26.12 8.73 15.30
C VAL B 49 -27.06 9.94 15.41
N ILE B 50 -27.23 10.66 14.31
CA ILE B 50 -28.10 11.83 14.28
C ILE B 50 -29.54 11.40 14.50
N GLN B 51 -29.92 10.30 13.88
CA GLN B 51 -31.27 9.79 14.08
C GLN B 51 -31.58 9.54 15.56
N ARG B 52 -30.61 9.05 16.32
CA ARG B 52 -30.87 8.78 17.72
C ARG B 52 -30.63 9.97 18.67
N MET B 53 -29.83 10.93 18.24
CA MET B 53 -29.58 12.09 19.10
C MET B 53 -30.70 13.09 19.09
N ASP B 54 -30.79 13.90 20.15
CA ASP B 54 -31.84 14.94 20.19
C ASP B 54 -31.45 16.15 19.36
N VAL B 55 -31.28 15.94 18.06
CA VAL B 55 -30.90 17.01 17.14
C VAL B 55 -32.12 17.84 16.79
N GLY B 56 -31.97 19.14 16.87
CA GLY B 56 -33.06 20.03 16.51
C GLY B 56 -32.69 21.48 16.74
N GLN B 57 -33.57 22.39 16.33
CA GLN B 57 -33.18 23.79 16.23
C GLN B 57 -32.85 24.34 17.61
N ASP B 58 -33.56 23.85 18.62
CA ASP B 58 -33.34 24.30 19.98
C ASP B 58 -32.54 23.33 20.86
N SER B 59 -31.92 22.34 20.24
N SER B 59 -31.92 22.34 20.25
CA SER B 59 -31.21 21.32 20.99
CA SER B 59 -31.22 21.34 21.05
C SER B 59 -29.84 21.05 20.42
C SER B 59 -29.83 21.03 20.48
N ILE B 60 -29.58 19.81 20.04
CA ILE B 60 -28.25 19.46 19.54
C ILE B 60 -28.11 19.98 18.09
N HIS B 61 -26.97 20.62 17.76
CA HIS B 61 -26.71 21.06 16.38
C HIS B 61 -25.54 20.26 15.84
N VAL B 62 -25.49 20.12 14.51
CA VAL B 62 -24.48 19.31 13.82
C VAL B 62 -23.75 20.12 12.76
N THR B 63 -22.43 19.90 12.69
CA THR B 63 -21.65 20.35 11.55
C THR B 63 -20.89 19.14 11.03
N VAL B 64 -20.57 19.16 9.73
CA VAL B 64 -19.92 18.02 9.11
C VAL B 64 -18.78 18.46 8.20
N LEU B 65 -17.62 17.83 8.37
CA LEU B 65 -16.45 18.08 7.54
C LEU B 65 -16.05 16.76 6.89
N GLN B 66 -15.63 16.85 5.64
CA GLN B 66 -14.95 15.73 5.00
C GLN B 66 -13.49 16.13 4.76
N TYR B 67 -12.53 15.23 4.96
CA TYR B 67 -11.14 15.60 4.69
C TYR B 67 -10.30 14.51 4.01
N SER B 68 -9.27 14.96 3.30
N SER B 68 -9.35 14.96 3.20
CA SER B 68 -8.22 14.08 2.81
CA SER B 68 -8.35 14.06 2.63
C SER B 68 -6.95 14.90 2.56
C SER B 68 -7.10 14.90 2.39
N TYR B 69 -6.80 15.41 1.35
N TYR B 69 -6.92 15.39 1.17
CA TYR B 69 -5.75 16.38 1.07
CA TYR B 69 -5.83 16.32 0.94
C TYR B 69 -6.16 17.72 1.64
C TYR B 69 -6.16 17.68 1.58
N MET B 70 -7.38 18.12 1.35
CA MET B 70 -7.92 19.33 1.95
C MET B 70 -9.18 19.02 2.76
N VAL B 71 -9.70 20.06 3.41
CA VAL B 71 -10.93 19.97 4.20
C VAL B 71 -12.08 20.60 3.45
N THR B 72 -13.24 19.95 3.47
CA THR B 72 -14.45 20.53 2.90
C THR B 72 -15.53 20.62 3.95
N VAL B 73 -16.11 21.81 4.15
CA VAL B 73 -17.28 21.96 5.01
C VAL B 73 -18.49 21.44 4.25
N GLU B 74 -19.00 20.32 4.70
CA GLU B 74 -20.19 19.76 4.10
C GLU B 74 -21.46 20.35 4.68
N TYR B 75 -21.45 20.73 5.96
CA TYR B 75 -22.64 21.31 6.59
C TYR B 75 -22.21 22.16 7.78
N PRO B 76 -22.32 23.50 7.67
CA PRO B 76 -21.93 24.39 8.77
C PRO B 76 -23.03 24.43 9.82
N PHE B 77 -22.68 24.84 11.04
CA PHE B 77 -23.68 24.93 12.12
C PHE B 77 -24.82 25.90 11.77
N SER B 78 -24.52 26.85 10.90
CA SER B 78 -25.46 27.92 10.56
C SER B 78 -26.64 27.49 9.65
N GLU B 79 -26.55 26.32 9.02
CA GLU B 79 -27.69 25.76 8.28
C GLU B 79 -28.81 25.27 9.18
N ALA B 80 -29.94 24.89 8.58
CA ALA B 80 -31.09 24.44 9.34
C ALA B 80 -30.68 23.28 10.24
N GLN B 81 -31.24 23.25 11.45
CA GLN B 81 -30.84 22.22 12.41
C GLN B 81 -31.98 21.26 12.77
N SER B 82 -33.08 21.31 12.03
N SER B 82 -33.09 21.32 12.05
CA SER B 82 -34.15 20.31 12.18
CA SER B 82 -34.13 20.31 12.21
C SER B 82 -33.66 18.97 11.64
C SER B 82 -33.62 18.98 11.68
N LYS B 83 -33.92 17.91 12.40
CA LYS B 83 -33.40 16.59 12.09
C LYS B 83 -33.67 16.09 10.67
N GLY B 84 -34.92 16.22 10.22
CA GLY B 84 -35.29 15.78 8.88
C GLY B 84 -34.52 16.48 7.78
N ASP B 85 -34.34 17.80 7.94
CA ASP B 85 -33.61 18.59 6.97
C ASP B 85 -32.12 18.27 6.93
N ILE B 86 -31.51 18.11 8.10
CA ILE B 86 -30.10 17.74 8.17
C ILE B 86 -29.90 16.35 7.50
N LEU B 87 -30.77 15.39 7.82
CA LEU B 87 -30.62 14.04 7.25
C LEU B 87 -30.75 14.05 5.73
N GLN B 88 -31.73 14.79 5.23
CA GLN B 88 -31.89 14.92 3.79
C GLN B 88 -30.62 15.44 3.10
N ARG B 89 -30.02 16.47 3.68
CA ARG B 89 -28.86 17.09 3.05
C ARG B 89 -27.57 16.28 3.21
N LEU B 90 -27.39 15.66 4.37
CA LEU B 90 -26.20 14.82 4.58
C LEU B 90 -26.17 13.65 3.61
N ARG B 91 -27.35 13.15 3.22
CA ARG B 91 -27.40 12.04 2.23
C ARG B 91 -26.84 12.47 0.89
N GLU B 92 -26.84 13.77 0.64
CA GLU B 92 -26.35 14.25 -0.64
C GLU B 92 -24.87 14.60 -0.64
N ILE B 93 -24.17 14.40 0.48
CA ILE B 93 -22.71 14.63 0.47
C ILE B 93 -22.02 13.71 -0.51
N ARG B 94 -21.04 14.21 -1.25
N ARG B 94 -21.03 14.25 -1.20
CA ARG B 94 -20.35 13.36 -2.22
CA ARG B 94 -20.27 13.44 -2.15
C ARG B 94 -18.90 13.14 -1.85
C ARG B 94 -18.91 13.07 -1.60
N TYR B 95 -18.47 11.87 -1.94
CA TYR B 95 -17.11 11.45 -1.62
C TYR B 95 -16.13 12.27 -2.45
N GLN B 96 -15.08 12.76 -1.79
CA GLN B 96 -14.12 13.59 -2.47
C GLN B 96 -12.87 12.89 -3.00
N GLY B 97 -12.44 11.79 -2.41
CA GLY B 97 -11.13 11.25 -2.75
C GLY B 97 -10.04 12.21 -2.24
N GLY B 98 -8.80 11.87 -2.51
CA GLY B 98 -7.70 12.71 -2.14
C GLY B 98 -6.56 11.82 -1.72
N ASN B 99 -5.34 12.27 -2.04
N ASN B 99 -5.35 12.30 -2.02
CA ASN B 99 -4.11 11.48 -1.91
CA ASN B 99 -4.11 11.54 -1.96
C ASN B 99 -3.49 11.41 -0.54
C ASN B 99 -3.42 11.58 -0.60
N ARG B 100 -4.14 12.05 0.42
CA ARG B 100 -3.53 12.27 1.71
C ARG B 100 -4.61 12.07 2.74
N THR B 101 -4.17 11.79 3.95
CA THR B 101 -5.04 11.77 5.14
C THR B 101 -4.54 12.88 6.05
N ASN B 102 -4.90 14.11 5.72
CA ASN B 102 -4.41 15.25 6.49
C ASN B 102 -5.27 15.50 7.72
N THR B 103 -5.15 14.61 8.71
CA THR B 103 -5.93 14.65 9.94
C THR B 103 -5.56 15.88 10.75
N GLY B 104 -4.28 16.24 10.75
CA GLY B 104 -3.84 17.41 11.49
C GLY B 104 -4.53 18.66 10.96
N LEU B 105 -4.59 18.76 9.64
CA LEU B 105 -5.29 19.89 8.96
C LEU B 105 -6.78 19.94 9.33
N ALA B 106 -7.40 18.76 9.33
CA ALA B 106 -8.81 18.70 9.72
C ALA B 106 -9.04 19.14 11.16
N LEU B 107 -8.21 18.67 12.09
CA LEU B 107 -8.38 19.09 13.49
C LEU B 107 -8.17 20.60 13.67
N ARG B 108 -7.14 21.15 13.05
CA ARG B 108 -6.95 22.57 13.14
C ARG B 108 -8.15 23.33 12.55
N TYR B 109 -8.77 22.79 11.49
CA TYR B 109 -9.90 23.46 10.84
C TYR B 109 -11.05 23.63 11.84
N LEU B 110 -11.21 22.68 12.75
CA LEU B 110 -12.34 22.76 13.68
C LEU B 110 -12.27 23.97 14.58
N SER B 111 -11.05 24.31 15.01
CA SER B 111 -10.87 25.43 15.92
C SER B 111 -10.74 26.77 15.19
N ASP B 112 -10.24 26.73 13.95
CA ASP B 112 -10.07 27.93 13.14
C ASP B 112 -11.36 28.34 12.46
N HIS B 113 -12.28 27.40 12.25
CA HIS B 113 -13.47 27.67 11.42
C HIS B 113 -14.78 27.08 11.99
N SER B 114 -14.81 25.76 12.21
CA SER B 114 -16.11 25.11 12.51
C SER B 114 -16.74 25.62 13.78
N PHE B 115 -15.94 25.86 14.83
CA PHE B 115 -16.51 26.16 16.14
C PHE B 115 -16.51 27.66 16.42
N LEU B 116 -16.53 28.48 15.35
CA LEU B 116 -16.63 29.95 15.50
C LEU B 116 -18.09 30.38 15.60
N VAL B 117 -18.39 31.36 16.45
CA VAL B 117 -19.73 31.90 16.51
C VAL B 117 -20.20 32.42 15.14
N SER B 118 -19.25 32.94 14.35
CA SER B 118 -19.62 33.50 13.05
C SER B 118 -20.02 32.40 12.08
N GLN B 119 -19.63 31.18 12.40
CA GLN B 119 -20.04 30.06 11.61
C GLN B 119 -21.15 29.25 12.29
N GLY B 120 -21.82 29.82 13.28
CA GLY B 120 -23.00 29.19 13.88
C GLY B 120 -22.78 28.46 15.21
N ASP B 121 -21.53 28.39 15.70
CA ASP B 121 -21.26 27.81 17.04
C ASP B 121 -22.03 28.59 18.11
N ARG B 122 -22.44 27.91 19.17
CA ARG B 122 -23.08 28.60 20.30
C ARG B 122 -22.11 28.63 21.48
N GLU B 123 -21.87 29.84 22.00
CA GLU B 123 -20.94 30.02 23.12
C GLU B 123 -21.43 29.26 24.35
N GLN B 124 -22.73 29.10 24.49
CA GLN B 124 -23.27 28.41 25.67
C GLN B 124 -23.41 26.90 25.50
N ALA B 125 -23.01 26.38 24.36
CA ALA B 125 -23.11 24.93 24.17
C ALA B 125 -21.74 24.30 24.15
N PRO B 126 -21.56 23.20 24.91
CA PRO B 126 -20.30 22.44 24.82
C PRO B 126 -20.08 21.90 23.40
N ASN B 127 -18.82 21.57 23.13
CA ASN B 127 -18.34 21.15 21.81
C ASN B 127 -17.83 19.72 21.83
N LEU B 128 -18.31 18.94 20.87
CA LEU B 128 -18.02 17.51 20.80
C LEU B 128 -17.73 17.13 19.37
N VAL B 129 -16.69 16.31 19.18
CA VAL B 129 -16.27 15.91 17.82
C VAL B 129 -16.20 14.38 17.71
N TYR B 130 -16.83 13.82 16.67
CA TYR B 130 -16.60 12.43 16.32
C TYR B 130 -15.74 12.38 15.08
N MET B 131 -14.58 11.75 15.13
CA MET B 131 -13.71 11.72 13.96
C MET B 131 -13.60 10.28 13.50
N VAL B 132 -13.87 10.03 12.24
CA VAL B 132 -13.79 8.66 11.73
C VAL B 132 -12.64 8.58 10.78
N THR B 133 -11.66 7.76 11.10
CA THR B 133 -10.49 7.64 10.22
C THR B 133 -10.04 6.21 10.12
N GLY B 134 -9.39 5.87 9.00
CA GLY B 134 -8.95 4.50 8.72
C GLY B 134 -7.46 4.36 8.43
N ASN B 135 -6.73 5.47 8.59
CA ASN B 135 -5.33 5.55 8.15
C ASN B 135 -4.52 6.45 9.06
N PRO B 136 -3.20 6.23 9.12
CA PRO B 136 -2.38 7.15 9.91
C PRO B 136 -2.39 8.53 9.28
N ALA B 137 -2.23 9.56 10.10
CA ALA B 137 -2.15 10.91 9.58
C ALA B 137 -0.94 11.07 8.66
N SER B 138 -1.15 11.79 7.57
CA SER B 138 -0.14 12.12 6.57
C SER B 138 0.69 13.32 7.05
N ASP B 139 0.08 14.11 7.92
CA ASP B 139 0.65 15.33 8.46
C ASP B 139 0.83 15.32 9.99
N GLU B 140 1.35 16.44 10.50
CA GLU B 140 1.55 16.59 11.93
C GLU B 140 0.22 16.88 12.63
N ILE B 141 0.01 16.24 13.76
CA ILE B 141 -1.22 16.41 14.57
C ILE B 141 -0.97 17.22 15.83
N LYS B 142 -1.81 18.23 16.08
CA LYS B 142 -1.75 18.96 17.34
C LYS B 142 -3.06 18.75 18.06
N ARG B 143 -3.06 18.74 19.39
CA ARG B 143 -4.32 18.56 20.11
C ARG B 143 -5.23 19.80 20.02
N LEU B 144 -6.53 19.59 20.12
CA LEU B 144 -7.49 20.69 20.11
C LEU B 144 -7.46 21.44 21.44
N PRO B 145 -7.99 22.67 21.45
CA PRO B 145 -8.22 23.33 22.74
C PRO B 145 -9.02 22.41 23.66
N GLY B 146 -8.82 22.58 24.96
CA GLY B 146 -9.46 21.74 25.97
C GLY B 146 -10.98 21.80 26.04
N ASP B 147 -11.58 22.83 25.50
CA ASP B 147 -13.05 22.91 25.48
C ASP B 147 -13.63 22.28 24.20
N ILE B 148 -12.81 21.59 23.42
CA ILE B 148 -13.35 20.72 22.38
C ILE B 148 -13.01 19.26 22.70
N GLN B 149 -14.04 18.49 23.01
CA GLN B 149 -13.89 17.06 23.35
C GLN B 149 -13.91 16.24 22.05
N VAL B 150 -13.01 15.28 21.90
CA VAL B 150 -12.93 14.48 20.67
C VAL B 150 -13.05 13.01 21.03
N VAL B 151 -13.97 12.29 20.36
CA VAL B 151 -14.04 10.85 20.44
C VAL B 151 -13.58 10.30 19.08
N PRO B 152 -12.34 9.82 19.00
CA PRO B 152 -11.78 9.28 17.76
C PRO B 152 -12.35 7.89 17.49
N ILE B 153 -12.68 7.64 16.24
CA ILE B 153 -13.20 6.33 15.86
C ILE B 153 -12.27 5.79 14.81
N GLY B 154 -11.53 4.73 15.18
CA GLY B 154 -10.48 4.18 14.33
C GLY B 154 -10.97 2.90 13.70
N VAL B 155 -11.09 2.93 12.38
CA VAL B 155 -11.70 1.82 11.63
C VAL B 155 -10.70 1.03 10.79
N GLY B 156 -10.72 -0.29 10.97
CA GLY B 156 -9.88 -1.15 10.15
C GLY B 156 -8.44 -1.28 10.66
N PRO B 157 -7.65 -2.14 9.98
CA PRO B 157 -6.33 -2.54 10.48
C PRO B 157 -5.24 -1.46 10.35
N ASN B 158 -5.49 -0.42 9.55
CA ASN B 158 -4.50 0.63 9.35
C ASN B 158 -4.71 1.90 10.19
N ALA B 159 -5.67 1.87 11.12
CA ALA B 159 -5.80 2.98 12.06
C ALA B 159 -4.56 2.99 12.95
N ASN B 160 -4.06 4.20 13.24
CA ASN B 160 -2.90 4.39 14.10
C ASN B 160 -3.42 4.60 15.52
N VAL B 161 -3.37 3.57 16.35
CA VAL B 161 -4.01 3.62 17.66
C VAL B 161 -3.35 4.62 18.61
N GLN B 162 -2.04 4.69 18.56
CA GLN B 162 -1.32 5.65 19.39
C GLN B 162 -1.68 7.10 19.04
N GLU B 163 -1.87 7.39 17.75
CA GLU B 163 -2.19 8.72 17.32
C GLU B 163 -3.61 9.04 17.81
N LEU B 164 -4.51 8.07 17.65
CA LEU B 164 -5.91 8.29 18.04
C LEU B 164 -5.99 8.48 19.55
N GLU B 165 -5.17 7.77 20.29
CA GLU B 165 -5.18 7.92 21.76
C GLU B 165 -4.70 9.33 22.15
N ARG B 166 -3.69 9.84 21.44
CA ARG B 166 -3.19 11.17 21.75
C ARG B 166 -4.23 12.26 21.42
N ILE B 167 -4.92 12.08 20.30
CA ILE B 167 -6.01 12.99 19.91
C ILE B 167 -7.18 12.98 20.89
N GLY B 168 -7.62 11.80 21.34
CA GLY B 168 -8.82 11.72 22.15
C GLY B 168 -8.64 11.96 23.64
N TRP B 169 -7.42 11.74 24.13
CA TRP B 169 -7.14 11.72 25.58
C TRP B 169 -7.79 12.90 26.30
N PRO B 170 -8.55 12.62 27.38
CA PRO B 170 -8.79 11.36 28.07
C PRO B 170 -9.97 10.52 27.59
N ASN B 171 -10.49 10.80 26.40
CA ASN B 171 -11.39 9.85 25.79
C ASN B 171 -10.65 8.70 25.13
N ALA B 172 -11.03 7.46 25.47
CA ALA B 172 -10.53 6.27 24.80
C ALA B 172 -11.08 6.27 23.35
N PRO B 173 -10.24 5.93 22.36
CA PRO B 173 -10.72 5.75 20.99
C PRO B 173 -11.65 4.57 20.90
N ILE B 174 -12.61 4.66 20.00
CA ILE B 174 -13.46 3.52 19.68
C ILE B 174 -12.84 2.84 18.47
N LEU B 175 -12.48 1.55 18.60
CA LEU B 175 -11.80 0.82 17.53
C LEU B 175 -12.77 -0.17 16.91
N ILE B 176 -12.94 -0.09 15.60
CA ILE B 176 -13.94 -0.86 14.90
C ILE B 176 -13.21 -1.72 13.87
N GLN B 177 -13.59 -2.99 13.77
CA GLN B 177 -12.89 -3.96 12.93
C GLN B 177 -12.79 -3.56 11.44
N ASP B 178 -13.85 -3.01 10.87
CA ASP B 178 -13.87 -2.64 9.44
C ASP B 178 -15.05 -1.75 9.15
N PHE B 179 -15.10 -1.20 7.94
CA PHE B 179 -16.16 -0.24 7.63
C PHE B 179 -17.54 -0.88 7.58
N GLU B 180 -17.61 -2.15 7.19
CA GLU B 180 -18.92 -2.81 7.20
C GLU B 180 -19.50 -2.84 8.64
N THR B 181 -18.61 -2.99 9.61
CA THR B 181 -19.01 -3.06 11.01
C THR B 181 -19.31 -1.69 11.61
N LEU B 182 -18.75 -0.63 11.04
CA LEU B 182 -18.92 0.71 11.63
C LEU B 182 -20.37 1.13 11.93
N PRO B 183 -21.25 1.11 10.93
CA PRO B 183 -22.63 1.57 11.18
C PRO B 183 -23.41 0.56 12.02
N ARG B 184 -22.94 -0.67 12.10
CA ARG B 184 -23.66 -1.67 12.91
C ARG B 184 -23.39 -1.53 14.40
N GLU B 185 -22.12 -1.31 14.75
CA GLU B 185 -21.70 -1.38 16.13
C GLU B 185 -21.41 -0.02 16.75
N ALA B 186 -20.89 0.91 15.96
CA ALA B 186 -20.43 2.15 16.55
C ALA B 186 -21.50 3.07 17.18
N PRO B 187 -22.71 3.19 16.56
CA PRO B 187 -23.68 4.12 17.15
C PRO B 187 -23.98 3.81 18.62
N ASP B 188 -24.18 2.53 18.94
CA ASP B 188 -24.50 2.19 20.32
C ASP B 188 -23.34 2.60 21.21
N LEU B 189 -22.10 2.44 20.72
CA LEU B 189 -20.94 2.64 21.57
C LEU B 189 -20.79 4.10 21.84
N VAL B 190 -21.03 4.91 20.80
CA VAL B 190 -20.95 6.36 20.96
C VAL B 190 -22.03 6.88 21.90
N LEU B 191 -23.27 6.46 21.66
CA LEU B 191 -24.41 7.05 22.37
C LEU B 191 -24.53 6.58 23.81
N GLN B 192 -23.87 5.45 24.13
CA GLN B 192 -23.94 4.99 25.52
C GLN B 192 -23.09 5.94 26.37
N ARG B 193 -22.13 6.59 25.73
CA ARG B 193 -21.15 7.45 26.41
C ARG B 193 -21.55 8.92 26.49
N CYS B 194 -22.44 9.36 25.61
CA CYS B 194 -22.87 10.76 25.65
C CYS B 194 -24.36 11.00 25.40
N CYS B 195 -24.77 12.26 25.40
CA CYS B 195 -26.04 12.67 24.80
C CYS B 195 -27.28 11.89 25.23
N SER B 196 -27.76 12.20 26.43
CA SER B 196 -28.97 11.62 27.02
C SER B 196 -29.99 11.18 25.99
N SER C 19 7.92 0.23 16.79
CA SER C 19 8.18 -0.18 15.40
C SER C 19 9.28 0.65 14.75
N MET C 20 10.33 -0.03 14.29
CA MET C 20 11.51 0.65 13.74
C MET C 20 11.96 -0.11 12.49
N VAL C 21 12.62 0.59 11.57
CA VAL C 21 12.97 0.01 10.29
C VAL C 21 14.31 -0.73 10.39
N LEU C 22 14.48 -1.74 9.56
CA LEU C 22 15.65 -2.62 9.62
C LEU C 22 15.64 -3.41 8.32
N ASP C 23 16.81 -3.58 7.67
CA ASP C 23 16.95 -4.37 6.44
C ASP C 23 17.70 -5.66 6.77
N VAL C 24 17.00 -6.79 6.77
CA VAL C 24 17.60 -8.06 7.20
C VAL C 24 17.84 -8.98 6.02
N ALA C 25 19.05 -9.50 5.88
CA ALA C 25 19.36 -10.47 4.86
C ALA C 25 19.51 -11.86 5.44
N PHE C 26 18.92 -12.84 4.78
CA PHE C 26 19.19 -14.25 5.05
C PHE C 26 20.05 -14.77 3.89
N VAL C 27 21.19 -15.34 4.25
CA VAL C 27 22.11 -15.92 3.26
C VAL C 27 22.27 -17.41 3.57
N LEU C 28 21.72 -18.26 2.69
CA LEU C 28 21.63 -19.69 2.93
C LEU C 28 22.53 -20.51 2.00
N GLU C 29 23.43 -21.30 2.59
CA GLU C 29 24.26 -22.20 1.79
C GLU C 29 23.35 -23.28 1.20
N GLY C 30 23.47 -23.50 -0.11
CA GLY C 30 22.61 -24.48 -0.77
C GLY C 30 23.43 -25.44 -1.60
N SER C 31 24.63 -25.74 -1.13
CA SER C 31 25.57 -26.58 -1.86
C SER C 31 25.17 -28.06 -1.79
N ASP C 32 25.83 -28.88 -2.60
CA ASP C 32 25.62 -30.32 -2.50
C ASP C 32 25.92 -30.85 -1.09
N LYS C 33 26.93 -30.28 -0.42
CA LYS C 33 27.29 -30.73 0.93
C LYS C 33 26.16 -30.50 1.95
N ILE C 34 25.39 -29.43 1.76
CA ILE C 34 24.16 -29.23 2.53
C ILE C 34 23.09 -30.30 2.18
N GLY C 35 22.71 -30.37 0.90
CA GLY C 35 21.71 -31.32 0.48
C GLY C 35 20.31 -30.80 0.69
N GLU C 36 19.33 -31.43 0.06
CA GLU C 36 18.02 -30.81 0.00
C GLU C 36 17.29 -30.83 1.34
N ALA C 37 17.42 -31.91 2.10
CA ALA C 37 16.74 -32.04 3.39
C ALA C 37 17.22 -30.94 4.34
N ASP C 38 18.54 -30.81 4.45
CA ASP C 38 19.10 -29.76 5.30
C ASP C 38 18.69 -28.37 4.79
N PHE C 39 18.69 -28.18 3.47
CA PHE C 39 18.30 -26.87 2.94
C PHE C 39 16.85 -26.47 3.28
N ASN C 40 15.96 -27.45 3.28
CA ASN C 40 14.57 -27.17 3.61
C ASN C 40 14.41 -26.73 5.07
N ARG C 41 15.28 -27.25 5.94
N ARG C 41 15.30 -27.22 5.93
CA ARG C 41 15.33 -26.84 7.34
CA ARG C 41 15.34 -26.81 7.33
C ARG C 41 15.84 -25.39 7.48
C ARG C 41 15.78 -25.36 7.44
N SER C 42 16.80 -24.98 6.66
CA SER C 42 17.27 -23.59 6.65
C SER C 42 16.09 -22.72 6.26
N LYS C 43 15.29 -23.16 5.30
CA LYS C 43 14.03 -22.48 4.96
C LYS C 43 13.04 -22.46 6.11
N GLU C 44 12.86 -23.61 6.80
CA GLU C 44 12.02 -23.69 7.99
C GLU C 44 12.51 -22.64 9.01
N PHE C 45 13.82 -22.56 9.19
CA PHE C 45 14.40 -21.59 10.14
C PHE C 45 14.02 -20.16 9.78
N MET C 46 14.16 -19.82 8.51
CA MET C 46 13.95 -18.47 8.01
C MET C 46 12.49 -18.08 8.17
N GLU C 47 11.61 -19.02 7.86
CA GLU C 47 10.19 -18.81 7.99
C GLU C 47 9.79 -18.50 9.43
N GLU C 48 10.35 -19.24 10.38
N GLU C 48 10.35 -19.23 10.39
CA GLU C 48 10.07 -19.04 11.81
CA GLU C 48 10.04 -19.02 11.80
C GLU C 48 10.44 -17.63 12.26
C GLU C 48 10.44 -17.63 12.26
N VAL C 49 11.64 -17.20 11.87
CA VAL C 49 12.13 -15.89 12.32
C VAL C 49 11.25 -14.79 11.74
N ILE C 50 10.99 -14.87 10.44
CA ILE C 50 10.14 -13.92 9.73
C ILE C 50 8.72 -13.84 10.30
N GLN C 51 8.18 -14.98 10.71
CA GLN C 51 6.85 -14.98 11.29
C GLN C 51 6.83 -14.24 12.65
N ARG C 52 7.93 -14.27 13.38
CA ARG C 52 7.96 -13.63 14.69
C ARG C 52 8.44 -12.18 14.64
N MET C 53 8.99 -11.76 13.51
CA MET C 53 9.54 -10.41 13.41
C MET C 53 8.49 -9.43 12.95
N ASP C 54 8.68 -8.16 13.28
N ASP C 54 8.67 -8.15 13.29
CA ASP C 54 7.78 -7.10 12.84
CA ASP C 54 7.76 -7.12 12.84
C ASP C 54 8.06 -6.73 11.38
C ASP C 54 8.04 -6.73 11.39
N VAL C 55 7.92 -7.71 10.50
CA VAL C 55 8.11 -7.49 9.06
C VAL C 55 6.88 -6.83 8.40
N GLY C 56 7.12 -5.81 7.59
CA GLY C 56 6.08 -5.16 6.81
C GLY C 56 6.65 -4.01 6.00
N GLN C 57 5.84 -3.45 5.10
CA GLN C 57 6.33 -2.46 4.13
C GLN C 57 6.93 -1.24 4.83
N ASP C 58 6.35 -0.85 5.97
N ASP C 58 6.35 -0.85 5.97
CA ASP C 58 6.84 0.32 6.70
CA ASP C 58 6.84 0.31 6.70
C ASP C 58 7.72 -0.04 7.90
C ASP C 58 7.67 -0.06 7.92
N SER C 59 8.12 -1.31 8.01
CA SER C 59 8.90 -1.75 9.18
C SER C 59 10.11 -2.62 8.78
N ILE C 60 10.19 -3.87 9.25
CA ILE C 60 11.34 -4.69 8.88
C ILE C 60 11.20 -5.26 7.45
N HIS C 61 12.26 -5.14 6.66
CA HIS C 61 12.32 -5.70 5.29
C HIS C 61 13.27 -6.87 5.24
N VAL C 62 13.03 -7.78 4.31
CA VAL C 62 13.79 -9.02 4.21
C VAL C 62 14.35 -9.22 2.80
N THR C 63 15.61 -9.68 2.70
CA THR C 63 16.13 -10.17 1.42
C THR C 63 16.70 -11.56 1.65
N VAL C 64 16.66 -12.41 0.60
CA VAL C 64 17.11 -13.79 0.76
C VAL C 64 18.05 -14.16 -0.37
N LEU C 65 19.21 -14.69 -0.03
CA LEU C 65 20.15 -15.21 -1.01
C LEU C 65 20.35 -16.70 -0.77
N GLN C 66 20.54 -17.46 -1.85
CA GLN C 66 21.03 -18.82 -1.76
C GLN C 66 22.40 -18.82 -2.43
N TYR C 67 23.38 -19.56 -1.89
CA TYR C 67 24.69 -19.61 -2.57
C TYR C 67 25.34 -20.97 -2.49
N SER C 68 26.14 -21.26 -3.50
N SER C 68 26.12 -21.27 -3.52
CA SER C 68 27.05 -22.40 -3.49
CA SER C 68 26.96 -22.45 -3.57
C SER C 68 28.25 -22.00 -4.33
C SER C 68 28.07 -22.09 -4.51
N TYR C 69 28.21 -22.31 -5.63
N TYR C 69 27.93 -22.52 -5.77
CA TYR C 69 29.20 -21.80 -6.59
CA TYR C 69 28.87 -22.11 -6.82
C TYR C 69 28.87 -20.37 -7.03
C TYR C 69 28.81 -20.60 -7.06
N MET C 70 27.59 -20.11 -7.28
N MET C 70 27.61 -20.10 -7.30
CA MET C 70 27.11 -18.77 -7.62
CA MET C 70 27.40 -18.66 -7.42
C MET C 70 26.08 -18.31 -6.60
C MET C 70 26.35 -18.21 -6.40
N VAL C 71 25.83 -17.01 -6.56
CA VAL C 71 24.81 -16.47 -5.66
C VAL C 71 23.52 -16.24 -6.42
N THR C 72 22.40 -16.66 -5.83
CA THR C 72 21.09 -16.43 -6.43
C THR C 72 20.29 -15.58 -5.46
N VAL C 73 19.76 -14.47 -5.96
CA VAL C 73 18.81 -13.67 -5.19
C VAL C 73 17.43 -14.32 -5.24
N GLU C 74 16.98 -14.83 -4.11
CA GLU C 74 15.66 -15.45 -3.99
C GLU C 74 14.55 -14.45 -3.68
N TYR C 75 14.89 -13.32 -3.03
CA TYR C 75 13.91 -12.29 -2.74
C TYR C 75 14.63 -10.95 -2.54
N PRO C 76 14.46 -10.00 -3.46
CA PRO C 76 15.15 -8.72 -3.24
C PRO C 76 14.40 -7.83 -2.27
N PHE C 77 15.11 -6.90 -1.62
CA PHE C 77 14.48 -5.98 -0.66
C PHE C 77 13.35 -5.18 -1.34
N SER C 78 13.48 -4.98 -2.64
CA SER C 78 12.53 -4.17 -3.40
C SER C 78 11.18 -4.84 -3.65
N GLU C 79 11.05 -6.13 -3.35
CA GLU C 79 9.74 -6.80 -3.56
C GLU C 79 8.80 -6.39 -2.42
N ALA C 80 7.53 -6.79 -2.52
CA ALA C 80 6.53 -6.55 -1.51
C ALA C 80 7.02 -7.10 -0.17
N GLN C 81 6.86 -6.31 0.89
CA GLN C 81 7.42 -6.70 2.19
C GLN C 81 6.37 -7.04 3.24
N SER C 82 5.19 -7.47 2.80
N SER C 82 5.19 -7.46 2.81
CA SER C 82 4.23 -7.99 3.75
CA SER C 82 4.24 -7.96 3.81
C SER C 82 4.67 -9.40 4.11
C SER C 82 4.58 -9.41 4.10
N LYS C 83 4.38 -9.82 5.34
CA LYS C 83 4.67 -11.19 5.76
C LYS C 83 4.10 -12.26 4.81
N GLY C 84 2.84 -12.11 4.44
CA GLY C 84 2.20 -13.08 3.56
C GLY C 84 2.90 -13.25 2.23
N ASP C 85 3.33 -12.13 1.64
CA ASP C 85 4.06 -12.17 0.37
C ASP C 85 5.38 -12.91 0.51
N ILE C 86 6.12 -12.57 1.55
CA ILE C 86 7.44 -13.12 1.73
C ILE C 86 7.33 -14.61 1.97
N LEU C 87 6.47 -15.00 2.91
CA LEU C 87 6.35 -16.39 3.30
C LEU C 87 5.95 -17.27 2.12
N GLN C 88 5.00 -16.78 1.33
CA GLN C 88 4.56 -17.52 0.15
C GLN C 88 5.71 -17.81 -0.82
N ARG C 89 6.48 -16.80 -1.13
CA ARG C 89 7.63 -16.97 -2.00
C ARG C 89 8.71 -17.85 -1.37
N LEU C 90 8.94 -17.69 -0.07
CA LEU C 90 10.02 -18.44 0.56
C LEU C 90 9.74 -19.93 0.51
N ARG C 91 8.48 -20.31 0.68
CA ARG C 91 8.12 -21.73 0.68
C ARG C 91 8.43 -22.33 -0.70
N GLU C 92 8.37 -21.49 -1.72
CA GLU C 92 8.63 -21.93 -3.08
C GLU C 92 10.13 -21.98 -3.46
N ILE C 93 11.00 -21.49 -2.59
CA ILE C 93 12.42 -21.49 -2.96
C ILE C 93 12.95 -22.89 -3.20
N ARG C 94 13.60 -23.06 -4.35
CA ARG C 94 14.18 -24.32 -4.76
C ARG C 94 15.66 -24.43 -4.38
N TYR C 95 15.96 -25.50 -3.65
CA TYR C 95 17.34 -25.94 -3.44
C TYR C 95 18.04 -26.10 -4.79
N GLN C 96 19.22 -25.49 -4.95
CA GLN C 96 19.93 -25.50 -6.23
C GLN C 96 21.10 -26.47 -6.26
N GLY C 97 21.61 -26.84 -5.10
CA GLY C 97 22.82 -27.65 -5.07
C GLY C 97 24.01 -26.85 -5.61
N GLY C 98 25.15 -27.51 -5.75
CA GLY C 98 26.32 -26.85 -6.29
C GLY C 98 27.62 -27.37 -5.72
N ASN C 99 28.72 -27.08 -6.41
CA ASN C 99 30.00 -27.72 -6.12
C ASN C 99 30.95 -26.93 -5.20
N ARG C 100 30.49 -25.81 -4.67
CA ARG C 100 31.34 -24.98 -3.80
C ARG C 100 30.53 -24.37 -2.67
N THR C 101 31.26 -23.87 -1.68
CA THR C 101 30.74 -23.06 -0.57
C THR C 101 31.43 -21.70 -0.62
N ASN C 102 31.05 -20.91 -1.64
CA ASN C 102 31.70 -19.63 -1.89
C ASN C 102 31.13 -18.54 -0.99
N THR C 103 31.35 -18.71 0.31
CA THR C 103 30.86 -17.78 1.33
C THR C 103 31.40 -16.36 1.15
N GLY C 104 32.64 -16.25 0.69
CA GLY C 104 33.24 -14.94 0.47
C GLY C 104 32.49 -14.22 -0.63
N LEU C 105 32.19 -14.95 -1.70
CA LEU C 105 31.47 -14.38 -2.83
C LEU C 105 30.10 -13.87 -2.39
N ALA C 106 29.44 -14.66 -1.55
CA ALA C 106 28.09 -14.34 -1.10
C ALA C 106 28.14 -13.07 -0.26
N LEU C 107 29.15 -12.97 0.57
CA LEU C 107 29.31 -11.78 1.43
C LEU C 107 29.58 -10.52 0.60
N ARG C 108 30.42 -10.65 -0.42
CA ARG C 108 30.65 -9.53 -1.32
C ARG C 108 29.41 -9.13 -2.08
N TYR C 109 28.62 -10.10 -2.52
CA TYR C 109 27.44 -9.80 -3.31
C TYR C 109 26.43 -9.03 -2.46
N LEU C 110 26.36 -9.36 -1.18
CA LEU C 110 25.48 -8.66 -0.29
C LEU C 110 25.83 -7.20 -0.26
N SER C 111 27.12 -6.91 -0.08
N SER C 111 27.10 -6.88 -0.03
CA SER C 111 27.53 -5.52 0.11
CA SER C 111 27.50 -5.48 0.07
C SER C 111 27.52 -4.71 -1.19
C SER C 111 27.28 -4.74 -1.25
N ASP C 112 27.72 -5.36 -2.31
CA ASP C 112 27.77 -4.71 -3.62
C ASP C 112 26.46 -4.73 -4.39
N HIS C 113 25.54 -5.61 -4.03
CA HIS C 113 24.31 -5.70 -4.80
C HIS C 113 23.08 -5.63 -3.92
N SER C 114 23.00 -6.52 -2.93
CA SER C 114 21.78 -6.62 -2.15
C SER C 114 21.49 -5.32 -1.40
N PHE C 115 22.56 -4.72 -0.89
CA PHE C 115 22.42 -3.52 -0.06
C PHE C 115 22.47 -2.19 -0.81
N LEU C 116 22.31 -2.23 -2.13
CA LEU C 116 22.17 -1.00 -2.90
C LEU C 116 20.77 -0.41 -2.79
N VAL C 117 20.69 0.92 -2.69
CA VAL C 117 19.37 1.57 -2.72
C VAL C 117 18.55 1.20 -3.96
N SER C 118 19.22 1.03 -5.10
CA SER C 118 18.56 0.63 -6.35
C SER C 118 17.97 -0.80 -6.29
N GLN C 119 18.37 -1.58 -5.29
CA GLN C 119 17.78 -2.91 -5.12
C GLN C 119 16.86 -2.95 -3.90
N GLY C 120 16.44 -1.80 -3.39
CA GLY C 120 15.46 -1.81 -2.33
C GLY C 120 15.98 -1.55 -0.92
N ASP C 121 17.32 -1.53 -0.75
CA ASP C 121 17.91 -1.13 0.53
C ASP C 121 17.50 0.30 0.96
N ARG C 122 17.24 0.48 2.25
CA ARG C 122 16.94 1.80 2.81
C ARG C 122 18.18 2.31 3.52
N GLU C 123 18.68 3.46 3.09
CA GLU C 123 19.97 3.98 3.54
C GLU C 123 19.94 4.18 5.06
N GLN C 124 18.82 4.66 5.55
CA GLN C 124 18.69 4.96 6.98
C GLN C 124 18.33 3.78 7.87
N ALA C 125 17.99 2.65 7.29
CA ALA C 125 17.71 1.46 8.07
C ALA C 125 18.98 0.64 8.21
N PRO C 126 19.29 0.21 9.46
CA PRO C 126 20.44 -0.66 9.72
C PRO C 126 20.38 -1.98 8.94
N ASN C 127 21.55 -2.56 8.66
CA ASN C 127 21.63 -3.77 7.88
C ASN C 127 22.09 -4.90 8.77
N LEU C 128 21.38 -5.99 8.69
CA LEU C 128 21.65 -7.12 9.55
C LEU C 128 21.61 -8.39 8.70
N VAL C 129 22.53 -9.31 8.96
CA VAL C 129 22.67 -10.49 8.12
C VAL C 129 22.68 -11.75 8.96
N TYR C 130 21.85 -12.73 8.60
CA TYR C 130 21.97 -14.08 9.18
C TYR C 130 22.50 -15.03 8.11
N MET C 131 23.68 -15.59 8.32
CA MET C 131 24.21 -16.51 7.33
C MET C 131 24.26 -17.92 7.85
N VAL C 132 23.61 -18.84 7.15
CA VAL C 132 23.47 -20.20 7.65
C VAL C 132 24.36 -21.05 6.79
N THR C 133 25.37 -21.67 7.40
CA THR C 133 26.35 -22.42 6.64
C THR C 133 26.79 -23.66 7.39
N GLY C 134 27.18 -24.69 6.64
CA GLY C 134 27.50 -25.98 7.22
C GLY C 134 28.89 -26.48 6.86
N ASN C 135 29.67 -25.69 6.12
CA ASN C 135 30.96 -26.14 5.62
C ASN C 135 31.96 -25.00 5.60
N PRO C 136 33.26 -25.32 5.56
CA PRO C 136 34.25 -24.25 5.48
C PRO C 136 34.12 -23.54 4.15
N ALA C 137 34.48 -22.26 4.10
CA ALA C 137 34.40 -21.53 2.83
C ALA C 137 35.38 -22.12 1.83
N SER C 138 34.96 -22.20 0.56
CA SER C 138 35.81 -22.64 -0.54
C SER C 138 36.70 -21.51 -1.00
N ASP C 139 36.31 -20.28 -0.68
CA ASP C 139 36.98 -19.09 -1.22
C ASP C 139 37.52 -18.22 -0.11
N GLU C 140 38.12 -17.10 -0.47
CA GLU C 140 38.66 -16.17 0.52
C GLU C 140 37.55 -15.31 1.11
N ILE C 141 37.53 -15.25 2.44
CA ILE C 141 36.54 -14.48 3.17
C ILE C 141 37.15 -13.16 3.64
N LYS C 142 36.44 -12.06 3.42
CA LYS C 142 36.85 -10.76 3.96
C LYS C 142 35.70 -10.12 4.76
N ARG C 143 35.79 -10.17 6.09
CA ARG C 143 34.77 -9.59 6.97
C ARG C 143 34.17 -8.30 6.39
N LEU C 144 32.84 -8.20 6.41
CA LEU C 144 32.13 -7.03 5.87
C LEU C 144 32.42 -5.72 6.63
N PRO C 145 32.10 -4.59 6.00
CA PRO C 145 32.25 -3.28 6.65
C PRO C 145 31.62 -3.29 8.02
N GLY C 146 32.13 -2.40 8.87
CA GLY C 146 31.75 -2.35 10.26
C GLY C 146 30.29 -1.97 10.52
N ASP C 147 29.62 -1.40 9.53
CA ASP C 147 28.26 -0.95 9.75
C ASP C 147 27.24 -1.95 9.24
N ILE C 148 27.71 -3.15 8.86
CA ILE C 148 26.84 -4.29 8.61
C ILE C 148 27.02 -5.31 9.71
N GLN C 149 25.95 -5.58 10.43
CA GLN C 149 26.03 -6.59 11.49
C GLN C 149 25.76 -7.98 10.90
N VAL C 150 26.69 -8.92 11.11
CA VAL C 150 26.52 -10.28 10.58
C VAL C 150 26.50 -11.25 11.76
N VAL C 151 25.50 -12.11 11.79
CA VAL C 151 25.39 -13.15 12.81
C VAL C 151 25.49 -14.48 12.09
N PRO C 152 26.66 -15.12 12.16
CA PRO C 152 26.81 -16.39 11.43
C PRO C 152 26.17 -17.51 12.22
N ILE C 153 25.50 -18.42 11.51
CA ILE C 153 24.86 -19.56 12.17
C ILE C 153 25.54 -20.77 11.58
N GLY C 154 26.38 -21.42 12.36
CA GLY C 154 27.10 -22.57 11.86
C GLY C 154 26.42 -23.84 12.30
N VAL C 155 26.12 -24.69 11.32
CA VAL C 155 25.30 -25.86 11.58
C VAL C 155 26.08 -27.13 11.28
N GLY C 156 26.09 -28.08 12.22
CA GLY C 156 26.61 -29.40 11.93
C GLY C 156 28.09 -29.46 12.28
N PRO C 157 28.68 -30.66 12.15
CA PRO C 157 30.06 -30.88 12.59
C PRO C 157 31.11 -30.39 11.62
N ASN C 158 30.70 -29.87 10.47
CA ASN C 158 31.68 -29.43 9.50
C ASN C 158 31.79 -27.93 9.38
N ALA C 159 31.02 -27.20 10.19
CA ALA C 159 31.16 -25.77 10.24
C ALA C 159 32.53 -25.41 10.85
N ASN C 160 33.20 -24.41 10.29
CA ASN C 160 34.53 -24.00 10.78
C ASN C 160 34.36 -22.82 11.76
N VAL C 161 34.45 -23.11 13.06
CA VAL C 161 34.15 -22.11 14.08
C VAL C 161 35.06 -20.89 13.98
N GLN C 162 36.34 -21.12 13.72
CA GLN C 162 37.29 -20.01 13.58
C GLN C 162 36.88 -19.04 12.44
N GLU C 163 36.52 -19.59 11.28
CA GLU C 163 36.06 -18.77 10.16
C GLU C 163 34.81 -18.00 10.54
N LEU C 164 33.88 -18.69 11.19
CA LEU C 164 32.61 -18.06 11.55
C LEU C 164 32.86 -16.93 12.52
N GLU C 165 33.76 -17.14 13.48
CA GLU C 165 34.14 -16.06 14.41
C GLU C 165 34.74 -14.87 13.68
N ARG C 166 35.61 -15.12 12.70
CA ARG C 166 36.16 -14.03 11.89
C ARG C 166 35.10 -13.24 11.13
N ILE C 167 34.13 -13.95 10.54
CA ILE C 167 33.08 -13.30 9.76
C ILE C 167 32.17 -12.42 10.64
N GLY C 168 31.75 -12.97 11.76
CA GLY C 168 30.82 -12.26 12.62
C GLY C 168 31.43 -11.16 13.47
N TRP C 169 32.73 -11.25 13.71
CA TRP C 169 33.38 -10.37 14.70
C TRP C 169 32.88 -8.93 14.62
N PRO C 170 32.46 -8.36 15.77
CA PRO C 170 32.54 -9.00 17.10
C PRO C 170 31.31 -9.80 17.51
N ASN C 171 30.33 -10.01 16.63
CA ASN C 171 29.15 -10.78 17.02
C ASN C 171 29.51 -12.26 17.08
N ALA C 172 29.07 -12.95 18.14
CA ALA C 172 29.38 -14.36 18.32
C ALA C 172 28.57 -15.22 17.37
N PRO C 173 29.19 -16.22 16.75
CA PRO C 173 28.44 -17.17 15.92
C PRO C 173 27.39 -17.86 16.77
N ILE C 174 26.32 -18.33 16.13
CA ILE C 174 25.36 -19.20 16.79
C ILE C 174 25.65 -20.59 16.28
N LEU C 175 26.01 -21.50 17.18
CA LEU C 175 26.49 -22.81 16.73
C LEU C 175 25.41 -23.84 17.03
N ILE C 176 24.98 -24.53 15.99
CA ILE C 176 23.83 -25.43 16.09
C ILE C 176 24.29 -26.84 15.76
N GLN C 177 23.89 -27.79 16.59
CA GLN C 177 24.41 -29.16 16.50
C GLN C 177 24.10 -29.84 15.17
N ASP C 178 22.89 -29.64 14.65
CA ASP C 178 22.56 -30.20 13.34
C ASP C 178 21.30 -29.56 12.77
N PHE C 179 20.97 -29.90 11.52
CA PHE C 179 19.89 -29.19 10.85
C PHE C 179 18.51 -29.38 11.45
N GLU C 180 18.29 -30.52 12.09
CA GLU C 180 16.99 -30.78 12.68
C GLU C 180 16.72 -29.82 13.83
N THR C 181 17.79 -29.43 14.54
N THR C 181 17.79 -29.41 14.52
CA THR C 181 17.62 -28.53 15.66
CA THR C 181 17.66 -28.53 15.68
C THR C 181 17.52 -27.08 15.20
C THR C 181 17.77 -27.05 15.31
N LEU C 182 18.11 -26.77 14.05
CA LEU C 182 18.12 -25.39 13.54
C LEU C 182 16.78 -24.61 13.63
N PRO C 183 15.69 -25.12 13.03
CA PRO C 183 14.45 -24.34 13.11
C PRO C 183 13.77 -24.41 14.49
N ARG C 184 14.30 -25.26 15.37
N ARG C 184 14.30 -25.30 15.31
CA ARG C 184 13.70 -25.46 16.68
CA ARG C 184 13.76 -25.50 16.65
C ARG C 184 14.35 -24.62 17.79
C ARG C 184 14.32 -24.45 17.59
N GLU C 185 15.65 -24.39 17.66
CA GLU C 185 16.36 -23.63 18.71
C GLU C 185 16.97 -22.30 18.25
N ALA C 186 17.41 -22.22 17.00
CA ALA C 186 17.94 -20.95 16.48
C ALA C 186 17.02 -19.70 16.45
N PRO C 187 15.75 -19.82 16.04
CA PRO C 187 14.92 -18.61 16.05
C PRO C 187 14.86 -17.89 17.41
N ASP C 188 14.62 -18.64 18.48
CA ASP C 188 14.70 -18.06 19.83
C ASP C 188 15.99 -17.29 20.08
N LEU C 189 17.12 -17.89 19.70
CA LEU C 189 18.41 -17.26 20.00
C LEU C 189 18.59 -15.98 19.20
N VAL C 190 18.22 -16.03 17.93
CA VAL C 190 18.31 -14.86 17.07
C VAL C 190 17.41 -13.73 17.55
N LEU C 191 16.19 -14.06 17.91
CA LEU C 191 15.28 -13.01 18.34
C LEU C 191 15.55 -12.44 19.74
N GLN C 192 16.18 -13.23 20.61
CA GLN C 192 16.62 -12.73 21.91
C GLN C 192 17.62 -11.60 21.74
N ARG C 193 18.46 -11.71 20.71
CA ARG C 193 19.55 -10.76 20.51
C ARG C 193 19.13 -9.48 19.80
N CYS C 194 18.02 -9.51 19.05
CA CYS C 194 17.65 -8.33 18.25
C CYS C 194 16.31 -7.69 18.66
N CYS C 195 15.38 -8.50 19.15
CA CYS C 195 13.99 -8.04 19.24
C CYS C 195 13.27 -8.56 20.49
N SER C 196 13.96 -8.51 21.62
CA SER C 196 13.38 -8.86 22.91
C SER C 196 13.35 -7.62 23.79
#